data_5IZT
#
_entry.id   5IZT
#
_cell.length_a   31.340
_cell.length_b   54.030
_cell.length_c   66.960
_cell.angle_alpha   101.440
_cell.angle_beta   98.730
_cell.angle_gamma   85.000
#
_symmetry.space_group_name_H-M   'P 1'
#
loop_
_entity.id
_entity.type
_entity.pdbx_description
1 polymer 'Outer surface protein'
2 water water
#
_entity_poly.entity_id   1
_entity_poly.type   'polypeptide(L)'
_entity_poly.pdbx_seq_one_letter_code
;MAHHHHHHNLNEDYKNKVKGILNKAADDQETTSADTNSNAAKNIPIADNDKVAAELKKQSQAAKTVAAAPNKGSQNQPQT
TPNKGSQNQQAAPSPQLQSLSFSADLSNLPKTTAARAASLTKQRIPIQAVTTVPGNTRTFNSRNSGLPTFALNYSFSQPT
RQQTNSSSAVQTTTSSGSKLQTLKNELIRAISEEKNKTQNNFGFRETYDQFKMKDSAFELLDVISSAKVYDRSYAPQLNS
NTPEAENERNKFYALMDFDQYKIEQFGSIMETLYNENQNHSLIRELMISGLGTQISFELALEEINKKIEIFNQDYLNAKI
NSFDFTMKLKELKSKLNQILDKRKEWSRQADGLIANASSNSSLSDSKSLAEYIKKRYLDNMQNARQSVLEAYISIM
;
_entity_poly.pdbx_strand_id   A,B
#
# COMPACT_ATOMS: atom_id res chain seq x y z
N SER A 178 18.30 -26.05 17.84
CA SER A 178 16.99 -26.58 18.23
C SER A 178 16.10 -26.81 17.02
N LYS A 179 15.42 -27.97 16.98
CA LYS A 179 14.50 -28.24 15.88
C LYS A 179 13.50 -27.11 15.68
N LEU A 180 12.96 -26.56 16.77
CA LEU A 180 11.94 -25.52 16.64
C LEU A 180 12.53 -24.23 16.11
N GLN A 181 13.67 -23.81 16.66
CA GLN A 181 14.30 -22.58 16.19
C GLN A 181 14.71 -22.69 14.72
N THR A 182 15.19 -23.87 14.31
CA THR A 182 15.57 -24.05 12.90
C THR A 182 14.37 -23.91 11.97
N LEU A 183 13.28 -24.58 12.31
CA LEU A 183 12.06 -24.51 11.53
C LEU A 183 11.56 -23.07 11.44
N LYS A 184 11.54 -22.37 12.57
CA LYS A 184 11.05 -21.00 12.56
C LYS A 184 11.94 -20.11 11.70
N ASN A 185 13.26 -20.22 11.86
CA ASN A 185 14.17 -19.35 11.12
C ASN A 185 14.14 -19.63 9.63
N GLU A 186 13.99 -20.89 9.25
CA GLU A 186 13.92 -21.26 7.85
C GLU A 186 12.70 -20.64 7.18
N LEU A 187 11.57 -20.59 7.90
CA LEU A 187 10.38 -19.96 7.34
C LEU A 187 10.55 -18.44 7.24
N ILE A 188 11.14 -17.82 8.26
CA ILE A 188 11.42 -16.39 8.20
C ILE A 188 12.34 -16.07 7.03
N ARG A 189 13.39 -16.88 6.84
CA ARG A 189 14.29 -16.67 5.70
CA ARG A 189 14.30 -16.69 5.70
C ARG A 189 13.57 -16.82 4.38
N ALA A 190 12.68 -17.81 4.26
CA ALA A 190 11.99 -18.03 2.99
C ALA A 190 11.11 -16.86 2.61
N ILE A 191 10.39 -16.30 3.59
CA ILE A 191 9.54 -15.13 3.34
C ILE A 191 10.38 -13.94 2.94
N SER A 192 11.48 -13.71 3.66
CA SER A 192 12.40 -12.62 3.35
C SER A 192 12.97 -12.75 1.93
N GLU A 193 13.35 -13.96 1.55
CA GLU A 193 13.84 -14.18 0.18
C GLU A 193 12.76 -13.82 -0.85
N GLU A 194 11.51 -14.19 -0.58
CA GLU A 194 10.44 -13.91 -1.54
C GLU A 194 10.08 -12.43 -1.59
N LYS A 195 10.03 -11.77 -0.42
CA LYS A 195 9.78 -10.33 -0.41
C LYS A 195 10.83 -9.59 -1.21
N ASN A 196 12.11 -10.00 -1.07
CA ASN A 196 13.17 -9.33 -1.82
C ASN A 196 12.97 -9.45 -3.32
N LYS A 197 12.47 -10.60 -3.79
CA LYS A 197 12.27 -10.79 -5.22
C LYS A 197 11.08 -10.01 -5.76
N THR A 198 10.17 -9.54 -4.91
CA THR A 198 9.07 -8.73 -5.42
C THR A 198 9.51 -7.31 -5.77
N GLN A 199 10.75 -6.94 -5.47
CA GLN A 199 11.26 -5.63 -5.84
C GLN A 199 12.16 -5.72 -7.07
N ASN A 200 12.17 -4.63 -7.85
CA ASN A 200 13.03 -4.55 -9.01
C ASN A 200 14.46 -4.37 -8.53
N ASN A 201 15.23 -5.45 -8.53
CA ASN A 201 16.66 -5.41 -8.20
C ASN A 201 17.54 -5.50 -9.45
N PHE A 202 16.99 -5.18 -10.63
CA PHE A 202 17.69 -5.41 -11.89
C PHE A 202 17.91 -4.14 -12.71
N GLY A 203 17.61 -2.96 -12.16
CA GLY A 203 17.64 -1.77 -13.00
C GLY A 203 16.61 -1.79 -14.12
N PHE A 204 15.60 -2.63 -13.98
CA PHE A 204 14.52 -2.67 -14.95
C PHE A 204 13.84 -1.31 -15.02
N ARG A 205 13.48 -0.88 -16.22
CA ARG A 205 12.77 0.38 -16.38
C ARG A 205 11.64 0.23 -17.40
N GLU A 206 10.52 0.86 -17.10
CA GLU A 206 9.34 0.82 -17.95
C GLU A 206 9.53 1.71 -19.19
N THR A 207 9.20 1.17 -20.37
CA THR A 207 9.28 1.95 -21.60
C THR A 207 8.14 2.96 -21.68
N TYR A 208 8.30 3.95 -22.56
CA TYR A 208 7.31 5.01 -22.62
C TYR A 208 5.93 4.46 -22.99
N ASP A 209 5.87 3.52 -23.93
CA ASP A 209 4.58 2.95 -24.31
C ASP A 209 4.14 1.81 -23.37
N GLN A 210 4.77 1.68 -22.20
CA GLN A 210 4.43 0.66 -21.19
C GLN A 210 4.31 -0.73 -21.83
N PHE A 211 5.31 -1.08 -22.63
CA PHE A 211 5.42 -2.39 -23.29
C PHE A 211 4.17 -2.70 -24.12
N LYS A 212 3.74 -1.71 -24.90
CA LYS A 212 2.58 -1.75 -25.80
C LYS A 212 1.26 -1.84 -25.05
N MET A 213 1.27 -1.70 -23.72
CA MET A 213 0.05 -1.76 -22.94
C MET A 213 -0.46 -0.39 -22.50
N LYS A 214 0.32 0.69 -22.70
CA LYS A 214 -0.20 2.03 -22.42
C LYS A 214 -1.48 2.30 -23.20
N ASP A 215 -1.51 1.89 -24.46
CA ASP A 215 -2.65 2.08 -25.33
C ASP A 215 -3.45 0.80 -25.53
N SER A 216 -3.29 -0.20 -24.65
CA SER A 216 -4.12 -1.39 -24.72
C SER A 216 -4.51 -1.87 -23.32
N ALA A 217 -3.81 -2.86 -22.76
CA ALA A 217 -4.30 -3.50 -21.53
C ALA A 217 -4.42 -2.51 -20.37
N PHE A 218 -3.42 -1.65 -20.17
CA PHE A 218 -3.49 -0.73 -19.05
C PHE A 218 -4.50 0.38 -19.29
N GLU A 219 -4.81 0.69 -20.55
CA GLU A 219 -5.83 1.70 -20.80
CA GLU A 219 -5.84 1.70 -20.80
C GLU A 219 -7.22 1.22 -20.35
N LEU A 220 -7.44 -0.09 -20.33
CA LEU A 220 -8.75 -0.67 -20.08
C LEU A 220 -9.10 -0.79 -18.60
N LEU A 221 -8.18 -0.45 -17.71
CA LEU A 221 -8.41 -0.66 -16.28
C LEU A 221 -8.05 0.60 -15.49
N ASP A 222 -8.68 0.74 -14.33
CA ASP A 222 -8.22 1.67 -13.30
C ASP A 222 -7.33 0.93 -12.32
N VAL A 223 -6.65 1.68 -11.45
CA VAL A 223 -5.86 1.07 -10.39
C VAL A 223 -6.80 0.30 -9.46
N ILE A 224 -6.46 -0.95 -9.14
CA ILE A 224 -7.34 -1.80 -8.35
C ILE A 224 -6.88 -1.95 -6.91
N SER A 225 -5.58 -1.81 -6.66
CA SER A 225 -5.10 -1.96 -5.29
C SER A 225 -5.05 -0.59 -4.59
N TYR A 234 -12.64 8.99 -8.63
CA TYR A 234 -12.19 7.67 -8.24
C TYR A 234 -10.69 7.51 -8.46
N ALA A 235 -10.26 6.29 -8.79
CA ALA A 235 -8.83 6.05 -8.90
C ALA A 235 -8.34 6.34 -10.31
N PRO A 236 -7.05 6.62 -10.48
CA PRO A 236 -6.53 6.93 -11.81
C PRO A 236 -6.53 5.70 -12.71
N GLN A 237 -6.59 5.98 -14.01
CA GLN A 237 -6.46 4.93 -15.01
CA GLN A 237 -6.46 4.92 -15.00
C GLN A 237 -5.10 4.23 -14.85
N LEU A 238 -5.07 2.93 -15.16
CA LEU A 238 -3.85 2.15 -14.90
C LEU A 238 -2.71 2.55 -15.83
N ASN A 239 -3.01 3.18 -16.97
CA ASN A 239 -1.96 3.64 -17.88
C ASN A 239 -1.53 5.07 -17.59
N SER A 240 -1.97 5.65 -16.49
CA SER A 240 -1.77 7.08 -16.29
C SER A 240 -0.37 7.38 -15.75
N ASN A 241 0.04 8.63 -15.93
CA ASN A 241 1.29 9.13 -15.39
C ASN A 241 1.05 9.66 -13.97
N THR A 242 0.77 8.71 -13.08
CA THR A 242 0.60 8.98 -11.66
C THR A 242 1.38 7.94 -10.88
N PRO A 243 1.89 8.31 -9.70
CA PRO A 243 2.62 7.32 -8.89
C PRO A 243 1.78 6.10 -8.52
N GLU A 244 0.47 6.26 -8.30
CA GLU A 244 -0.36 5.10 -8.00
C GLU A 244 -0.38 4.11 -9.17
N ALA A 245 -0.50 4.61 -10.40
CA ALA A 245 -0.56 3.69 -11.53
C ALA A 245 0.81 3.09 -11.82
N GLU A 246 1.89 3.86 -11.68
CA GLU A 246 3.22 3.25 -11.85
C GLU A 246 3.41 2.10 -10.86
N ASN A 247 2.99 2.30 -9.62
CA ASN A 247 3.13 1.26 -8.61
C ASN A 247 2.37 -0.01 -9.01
N GLU A 248 1.15 0.15 -9.55
CA GLU A 248 0.36 -1.02 -9.89
C GLU A 248 0.86 -1.70 -11.15
N ARG A 249 1.26 -0.93 -12.18
CA ARG A 249 1.90 -1.56 -13.34
C ARG A 249 3.13 -2.36 -12.90
N ASN A 250 3.84 -1.88 -11.89
CA ASN A 250 5.02 -2.61 -11.47
CA ASN A 250 5.02 -2.58 -11.40
C ASN A 250 4.67 -3.93 -10.79
N LYS A 251 3.44 -4.08 -10.27
CA LYS A 251 3.06 -5.40 -9.77
C LYS A 251 2.95 -6.40 -10.92
N PHE A 252 2.45 -5.97 -12.08
CA PHE A 252 2.45 -6.88 -13.23
C PHE A 252 3.87 -7.21 -13.67
N TYR A 253 4.76 -6.22 -13.68
CA TYR A 253 6.16 -6.49 -14.03
C TYR A 253 6.79 -7.46 -13.03
N ALA A 254 6.44 -7.31 -11.75
CA ALA A 254 6.97 -8.21 -10.72
C ALA A 254 6.45 -9.63 -10.90
N LEU A 255 5.18 -9.77 -11.31
CA LEU A 255 4.61 -11.08 -11.58
C LEU A 255 5.39 -11.81 -12.68
N MET A 256 5.87 -11.05 -13.67
CA MET A 256 6.68 -11.55 -14.78
C MET A 256 8.17 -11.53 -14.46
N ASP A 257 8.54 -11.40 -13.17
CA ASP A 257 9.93 -11.45 -12.71
C ASP A 257 10.81 -10.40 -13.37
N PHE A 258 10.22 -9.24 -13.69
CA PHE A 258 10.94 -8.12 -14.31
C PHE A 258 11.74 -8.57 -15.54
N ASP A 259 11.17 -9.51 -16.29
CA ASP A 259 11.78 -10.04 -17.52
C ASP A 259 11.29 -9.19 -18.70
N GLN A 260 12.16 -8.29 -19.19
CA GLN A 260 11.72 -7.37 -20.22
CA GLN A 260 11.76 -7.37 -20.24
C GLN A 260 11.25 -8.11 -21.47
N TYR A 261 11.93 -9.17 -21.86
CA TYR A 261 11.51 -9.94 -23.04
C TYR A 261 10.08 -10.44 -22.90
N LYS A 262 9.78 -11.14 -21.79
CA LYS A 262 8.46 -11.73 -21.61
CA LYS A 262 8.46 -11.72 -21.62
C LYS A 262 7.38 -10.65 -21.51
N ILE A 263 7.69 -9.55 -20.80
CA ILE A 263 6.70 -8.47 -20.67
C ILE A 263 6.42 -7.83 -22.02
N GLU A 264 7.46 -7.62 -22.83
CA GLU A 264 7.23 -7.06 -24.16
CA GLU A 264 7.27 -7.08 -24.19
C GLU A 264 6.42 -8.01 -25.03
N GLN A 265 6.68 -9.32 -24.94
CA GLN A 265 5.93 -10.29 -25.73
C GLN A 265 4.46 -10.28 -25.32
N PHE A 266 4.22 -10.31 -24.02
CA PHE A 266 2.85 -10.31 -23.50
C PHE A 266 2.12 -9.04 -23.90
N GLY A 267 2.76 -7.89 -23.76
CA GLY A 267 2.13 -6.65 -24.17
C GLY A 267 1.80 -6.62 -25.65
N SER A 268 2.68 -7.17 -26.49
CA SER A 268 2.39 -7.20 -27.91
CA SER A 268 2.40 -7.22 -27.92
C SER A 268 1.17 -8.06 -28.23
N ILE A 269 0.95 -9.13 -27.46
CA ILE A 269 -0.25 -9.93 -27.65
C ILE A 269 -1.48 -9.16 -27.22
N MET A 270 -1.40 -8.44 -26.09
CA MET A 270 -2.52 -7.59 -25.69
C MET A 270 -2.82 -6.55 -26.75
N GLU A 271 -1.78 -5.94 -27.32
CA GLU A 271 -1.99 -4.95 -28.36
C GLU A 271 -2.73 -5.56 -29.54
N THR A 272 -2.33 -6.76 -29.96
CA THR A 272 -3.04 -7.45 -31.05
C THR A 272 -4.50 -7.69 -30.68
N LEU A 273 -4.75 -8.20 -29.48
CA LEU A 273 -6.14 -8.42 -29.04
C LEU A 273 -6.94 -7.13 -29.05
N TYR A 274 -6.31 -6.01 -28.68
CA TYR A 274 -7.03 -4.75 -28.51
C TYR A 274 -7.58 -4.20 -29.82
N ASN A 275 -7.07 -4.69 -30.95
CA ASN A 275 -7.49 -4.25 -32.28
C ASN A 275 -8.99 -4.42 -32.51
N GLU A 276 -9.62 -5.40 -31.85
CA GLU A 276 -11.06 -5.62 -31.95
C GLU A 276 -11.68 -5.36 -30.60
N ASN A 277 -12.66 -4.45 -30.53
CA ASN A 277 -13.15 -4.13 -29.19
C ASN A 277 -14.02 -5.24 -28.61
N GLN A 278 -14.44 -6.22 -29.40
CA GLN A 278 -15.05 -7.41 -28.83
C GLN A 278 -14.10 -8.18 -27.93
N ASN A 279 -12.79 -7.92 -28.03
CA ASN A 279 -11.79 -8.59 -27.19
C ASN A 279 -11.42 -7.83 -25.92
N HIS A 280 -11.94 -6.63 -25.71
CA HIS A 280 -11.49 -5.82 -24.58
C HIS A 280 -11.86 -6.44 -23.23
N SER A 281 -13.01 -7.11 -23.13
CA SER A 281 -13.35 -7.73 -21.85
CA SER A 281 -13.35 -7.74 -21.84
C SER A 281 -12.39 -8.87 -21.52
N LEU A 282 -11.93 -9.61 -22.54
CA LEU A 282 -10.96 -10.66 -22.32
C LEU A 282 -9.65 -10.08 -21.80
N ILE A 283 -9.19 -9.00 -22.42
CA ILE A 283 -7.95 -8.36 -21.99
C ILE A 283 -8.06 -7.92 -20.54
N ARG A 284 -9.20 -7.32 -20.15
CA ARG A 284 -9.43 -6.95 -18.76
C ARG A 284 -9.31 -8.16 -17.84
N GLU A 285 -10.03 -9.25 -18.15
CA GLU A 285 -9.97 -10.44 -17.30
C GLU A 285 -8.55 -10.99 -17.20
N LEU A 286 -7.79 -11.01 -18.31
CA LEU A 286 -6.42 -11.52 -18.24
C LEU A 286 -5.57 -10.67 -17.32
N MET A 287 -5.60 -9.35 -17.49
CA MET A 287 -4.74 -8.50 -16.69
CA MET A 287 -4.76 -8.48 -16.69
C MET A 287 -5.19 -8.49 -15.23
N ILE A 288 -6.50 -8.47 -14.99
CA ILE A 288 -6.99 -8.52 -13.61
C ILE A 288 -6.53 -9.81 -12.92
N SER A 289 -6.53 -10.93 -13.65
CA SER A 289 -6.10 -12.18 -13.04
C SER A 289 -4.63 -12.13 -12.66
N GLY A 290 -3.81 -11.44 -13.44
CA GLY A 290 -2.41 -11.36 -13.11
C GLY A 290 -2.14 -10.39 -11.98
N LEU A 291 -2.70 -9.18 -12.08
CA LEU A 291 -2.55 -8.20 -11.01
C LEU A 291 -3.05 -8.77 -9.68
N GLY A 292 -4.22 -9.40 -9.68
CA GLY A 292 -4.74 -9.94 -8.44
C GLY A 292 -3.87 -11.04 -7.87
N THR A 293 -3.26 -11.85 -8.75
CA THR A 293 -2.35 -12.89 -8.28
C THR A 293 -1.17 -12.28 -7.53
N GLN A 294 -0.54 -11.27 -8.12
CA GLN A 294 0.64 -10.69 -7.48
C GLN A 294 0.26 -9.92 -6.24
N ILE A 295 -0.87 -9.22 -6.25
CA ILE A 295 -1.25 -8.43 -5.10
C ILE A 295 -1.52 -9.34 -3.91
N SER A 296 -2.31 -10.39 -4.13
CA SER A 296 -2.59 -11.33 -3.03
C SER A 296 -1.32 -12.02 -2.56
N PHE A 297 -0.45 -12.40 -3.50
CA PHE A 297 0.82 -13.04 -3.14
C PHE A 297 1.62 -12.16 -2.19
N GLU A 298 1.77 -10.87 -2.51
CA GLU A 298 2.56 -9.99 -1.66
C GLU A 298 1.90 -9.78 -0.30
N LEU A 299 0.57 -9.65 -0.26
CA LEU A 299 -0.11 -9.49 1.01
C LEU A 299 0.03 -10.76 1.87
N ALA A 300 0.04 -11.92 1.23
CA ALA A 300 0.16 -13.19 1.96
C ALA A 300 1.54 -13.33 2.57
N LEU A 301 2.58 -12.88 1.86
CA LEU A 301 3.92 -12.92 2.45
C LEU A 301 3.96 -12.13 3.76
N GLU A 302 3.44 -10.90 3.75
CA GLU A 302 3.45 -10.10 4.97
C GLU A 302 2.58 -10.70 6.06
N GLU A 303 1.44 -11.29 5.69
CA GLU A 303 0.57 -11.92 6.67
C GLU A 303 1.24 -13.10 7.36
N ILE A 304 1.96 -13.94 6.60
CA ILE A 304 2.70 -15.05 7.19
C ILE A 304 3.75 -14.52 8.15
N ASN A 305 4.51 -13.50 7.73
CA ASN A 305 5.51 -12.88 8.61
C ASN A 305 4.88 -12.40 9.91
N LYS A 306 3.72 -11.73 9.82
CA LYS A 306 3.04 -11.24 11.01
C LYS A 306 2.62 -12.39 11.92
N LYS A 307 2.06 -13.46 11.34
CA LYS A 307 1.61 -14.60 12.13
C LYS A 307 2.75 -15.31 12.85
N ILE A 308 3.90 -15.41 12.19
CA ILE A 308 5.06 -16.02 12.83
C ILE A 308 5.41 -15.28 14.12
N GLU A 309 5.42 -13.94 14.06
CA GLU A 309 5.76 -13.16 15.24
C GLU A 309 4.72 -13.30 16.34
N ILE A 310 3.43 -13.35 15.96
CA ILE A 310 2.36 -13.50 16.95
C ILE A 310 2.44 -14.85 17.64
N PHE A 311 2.56 -15.92 16.85
CA PHE A 311 2.66 -17.25 17.44
C PHE A 311 3.91 -17.36 18.30
N ASN A 312 4.99 -16.70 17.86
CA ASN A 312 6.24 -16.73 18.62
C ASN A 312 6.03 -16.14 20.02
N GLN A 313 5.31 -15.00 20.11
CA GLN A 313 5.05 -14.42 21.42
C GLN A 313 4.07 -15.26 22.24
N ASP A 314 3.09 -15.89 21.59
CA ASP A 314 2.24 -16.85 22.28
C ASP A 314 3.08 -17.98 22.88
N TYR A 315 4.04 -18.48 22.10
CA TYR A 315 4.91 -19.54 22.60
C TYR A 315 5.78 -19.04 23.74
N LEU A 316 6.35 -17.84 23.59
CA LEU A 316 7.17 -17.29 24.67
C LEU A 316 6.36 -17.01 25.92
N ASN A 317 5.05 -16.73 25.77
CA ASN A 317 4.20 -16.49 26.92
C ASN A 317 3.58 -17.76 27.48
N ALA A 318 4.02 -18.92 27.01
CA ALA A 318 3.54 -20.23 27.45
C ALA A 318 2.09 -20.48 27.08
N LYS A 319 1.51 -19.66 26.19
CA LYS A 319 0.13 -19.88 25.78
C LYS A 319 0.01 -21.13 24.92
N ILE A 320 1.05 -21.45 24.16
CA ILE A 320 1.13 -22.65 23.34
C ILE A 320 2.48 -23.28 23.60
N ASN A 321 2.60 -24.57 23.32
CA ASN A 321 3.84 -25.27 23.58
C ASN A 321 4.61 -25.49 22.27
N SER A 322 5.76 -26.17 22.38
CA SER A 322 6.60 -26.39 21.20
CA SER A 322 6.60 -26.39 21.20
C SER A 322 5.86 -27.14 20.11
N PHE A 323 5.09 -28.17 20.50
CA PHE A 323 4.32 -28.92 19.51
C PHE A 323 3.36 -28.01 18.79
N ASP A 324 2.64 -27.16 19.54
CA ASP A 324 1.64 -26.28 18.96
C ASP A 324 2.28 -25.29 17.99
N PHE A 325 3.41 -24.71 18.40
CA PHE A 325 4.12 -23.78 17.55
C PHE A 325 4.64 -24.46 16.29
N THR A 326 5.23 -25.66 16.43
CA THR A 326 5.64 -26.44 15.26
C THR A 326 4.49 -26.66 14.30
N MET A 327 3.32 -27.09 14.81
CA MET A 327 2.18 -27.31 13.94
C MET A 327 1.77 -26.04 13.19
N LYS A 328 1.78 -24.90 13.88
CA LYS A 328 1.41 -23.67 13.20
C LYS A 328 2.45 -23.28 12.15
N LEU A 329 3.73 -23.48 12.43
CA LEU A 329 4.78 -23.17 11.46
C LEU A 329 4.69 -24.08 10.24
N LYS A 330 4.42 -25.37 10.46
CA LYS A 330 4.20 -26.29 9.35
C LYS A 330 3.03 -25.83 8.49
N GLU A 331 1.94 -25.38 9.12
CA GLU A 331 0.78 -24.91 8.36
C GLU A 331 1.11 -23.65 7.57
N LEU A 332 1.84 -22.71 8.19
CA LEU A 332 2.21 -21.49 7.47
C LEU A 332 3.12 -21.82 6.30
N LYS A 333 4.04 -22.76 6.48
CA LYS A 333 4.92 -23.17 5.38
C LYS A 333 4.12 -23.85 4.26
N SER A 334 3.12 -24.66 4.61
CA SER A 334 2.26 -25.24 3.57
C SER A 334 1.55 -24.15 2.78
N LYS A 335 1.08 -23.11 3.48
CA LYS A 335 0.40 -22.00 2.80
C LYS A 335 1.37 -21.20 1.95
N LEU A 336 2.61 -21.02 2.42
CA LEU A 336 3.62 -20.37 1.59
C LEU A 336 3.87 -21.18 0.31
N ASN A 337 4.00 -22.50 0.43
CA ASN A 337 4.23 -23.34 -0.75
C ASN A 337 3.08 -23.23 -1.74
N GLN A 338 1.85 -23.11 -1.24
CA GLN A 338 0.69 -23.01 -2.11
C GLN A 338 0.68 -21.71 -2.88
N ILE A 339 0.96 -20.57 -2.23
CA ILE A 339 0.93 -19.31 -2.97
C ILE A 339 2.09 -19.25 -3.95
N LEU A 340 3.24 -19.83 -3.58
CA LEU A 340 4.36 -19.88 -4.53
C LEU A 340 4.00 -20.73 -5.74
N ASP A 341 3.35 -21.87 -5.50
CA ASP A 341 3.03 -22.77 -6.58
C ASP A 341 1.96 -22.20 -7.51
N LYS A 342 0.96 -21.53 -6.94
CA LYS A 342 -0.11 -21.00 -7.79
C LYS A 342 0.31 -19.71 -8.48
N ARG A 343 1.18 -18.90 -7.86
CA ARG A 343 1.74 -17.78 -8.61
C ARG A 343 2.57 -18.29 -9.78
N LYS A 344 3.37 -19.34 -9.54
CA LYS A 344 4.14 -19.95 -10.63
C LYS A 344 3.21 -20.52 -11.71
N GLU A 345 2.06 -21.06 -11.32
CA GLU A 345 1.13 -21.60 -12.31
C GLU A 345 0.61 -20.51 -13.25
N TRP A 346 0.29 -19.32 -12.71
CA TRP A 346 -0.11 -18.21 -13.58
C TRP A 346 0.99 -17.89 -14.58
N SER A 347 2.23 -17.79 -14.08
CA SER A 347 3.37 -17.50 -14.94
C SER A 347 3.57 -18.58 -15.99
N ARG A 348 3.33 -19.85 -15.61
CA ARG A 348 3.43 -20.94 -16.58
CA ARG A 348 3.45 -20.93 -16.58
C ARG A 348 2.41 -20.80 -17.70
N GLN A 349 1.19 -20.39 -17.36
CA GLN A 349 0.20 -20.13 -18.41
C GLN A 349 0.62 -18.96 -19.30
N ALA A 350 1.13 -17.88 -18.70
CA ALA A 350 1.60 -16.76 -19.52
C ALA A 350 2.74 -17.17 -20.43
N ASP A 351 3.65 -18.00 -19.93
CA ASP A 351 4.75 -18.50 -20.76
C ASP A 351 4.24 -19.29 -21.96
N GLY A 352 3.26 -20.16 -21.75
CA GLY A 352 2.73 -20.93 -22.87
C GLY A 352 1.99 -20.03 -23.84
N LEU A 353 1.26 -19.04 -23.33
CA LEU A 353 0.55 -18.11 -24.20
C LEU A 353 1.53 -17.32 -25.06
N ILE A 354 2.61 -16.84 -24.46
CA ILE A 354 3.66 -16.14 -25.21
C ILE A 354 4.26 -17.05 -26.26
N ALA A 355 4.68 -18.24 -25.84
CA ALA A 355 5.30 -19.18 -26.78
C ALA A 355 4.35 -19.55 -27.92
N ASN A 356 3.05 -19.63 -27.64
CA ASN A 356 2.13 -20.11 -28.67
CA ASN A 356 2.09 -20.11 -28.63
C ASN A 356 1.64 -19.00 -29.58
N ALA A 357 1.29 -17.83 -29.04
CA ALA A 357 0.85 -16.77 -29.93
C ALA A 357 1.99 -16.24 -30.81
N SER A 358 3.23 -16.59 -30.47
CA SER A 358 4.40 -16.24 -31.26
C SER A 358 4.58 -17.20 -32.43
N SER A 359 4.67 -18.50 -32.13
CA SER A 359 5.04 -19.49 -33.13
C SER A 359 3.85 -20.14 -33.81
N ASN A 360 2.61 -19.87 -33.38
CA ASN A 360 1.42 -20.32 -34.11
C ASN A 360 1.05 -19.24 -35.11
N SER A 361 1.13 -19.56 -36.41
CA SER A 361 0.80 -18.58 -37.44
C SER A 361 -0.67 -18.20 -37.39
N SER A 362 -1.55 -19.19 -37.18
CA SER A 362 -3.00 -18.95 -37.15
C SER A 362 -3.40 -17.83 -36.19
N LEU A 363 -2.64 -17.66 -35.10
CA LEU A 363 -2.97 -16.72 -34.04
C LEU A 363 -2.66 -15.25 -34.38
N SER A 364 -2.39 -14.93 -35.65
CA SER A 364 -2.21 -13.53 -36.06
C SER A 364 -3.53 -12.78 -36.18
N ASP A 365 -4.62 -13.49 -36.49
CA ASP A 365 -5.95 -12.87 -36.53
C ASP A 365 -6.42 -12.56 -35.11
N SER A 366 -6.85 -11.31 -34.89
CA SER A 366 -7.19 -10.87 -33.53
C SER A 366 -8.34 -11.69 -32.93
N LYS A 367 -9.40 -11.93 -33.71
CA LYS A 367 -10.55 -12.68 -33.20
C LYS A 367 -10.19 -14.13 -32.90
N SER A 368 -9.46 -14.79 -33.80
CA SER A 368 -9.07 -16.18 -33.59
C SER A 368 -8.18 -16.30 -32.37
N LEU A 369 -7.25 -15.35 -32.20
CA LEU A 369 -6.38 -15.34 -31.04
C LEU A 369 -7.19 -15.20 -29.74
N ALA A 370 -8.20 -14.32 -29.73
CA ALA A 370 -8.99 -14.15 -28.52
C ALA A 370 -9.71 -15.43 -28.14
N GLU A 371 -10.34 -16.08 -29.14
CA GLU A 371 -11.03 -17.34 -28.87
C GLU A 371 -10.08 -18.40 -28.36
N TYR A 372 -8.91 -18.53 -29.00
CA TYR A 372 -7.92 -19.52 -28.58
C TYR A 372 -7.48 -19.31 -27.14
N ILE A 373 -7.17 -18.07 -26.79
CA ILE A 373 -6.71 -17.74 -25.43
C ILE A 373 -7.82 -17.98 -24.42
N LYS A 374 -9.05 -17.58 -24.77
CA LYS A 374 -10.16 -17.75 -23.85
C LYS A 374 -10.35 -19.23 -23.49
N LYS A 375 -10.22 -20.13 -24.47
CA LYS A 375 -10.47 -21.54 -24.20
C LYS A 375 -9.24 -22.28 -23.64
N ARG A 376 -8.02 -21.78 -23.86
CA ARG A 376 -6.84 -22.53 -23.41
C ARG A 376 -6.27 -22.00 -22.10
N TYR A 377 -6.24 -20.68 -21.90
CA TYR A 377 -5.48 -20.12 -20.79
C TYR A 377 -6.33 -19.38 -19.76
N LEU A 378 -7.47 -18.78 -20.13
CA LEU A 378 -8.12 -17.83 -19.22
C LEU A 378 -8.55 -18.49 -17.91
N ASP A 379 -9.20 -19.65 -18.00
CA ASP A 379 -9.69 -20.30 -16.79
C ASP A 379 -8.54 -20.72 -15.89
N ASN A 380 -7.45 -21.23 -16.48
CA ASN A 380 -6.29 -21.60 -15.68
C ASN A 380 -5.70 -20.40 -14.95
N MET A 381 -5.64 -19.25 -15.62
CA MET A 381 -5.10 -18.04 -14.97
C MET A 381 -6.03 -17.55 -13.86
N GLN A 382 -7.34 -17.53 -14.11
CA GLN A 382 -8.28 -17.11 -13.07
C GLN A 382 -8.32 -18.11 -11.91
N ASN A 383 -8.17 -19.40 -12.19
CA ASN A 383 -8.16 -20.39 -11.12
C ASN A 383 -6.90 -20.25 -10.27
N ALA A 384 -5.77 -19.92 -10.90
CA ALA A 384 -4.56 -19.66 -10.12
C ALA A 384 -4.71 -18.43 -9.23
N ARG A 385 -5.28 -17.35 -9.77
CA ARG A 385 -5.51 -16.15 -8.98
CA ARG A 385 -5.52 -16.14 -8.99
C ARG A 385 -6.37 -16.45 -7.77
N GLN A 386 -7.48 -17.15 -7.99
CA GLN A 386 -8.40 -17.48 -6.90
C GLN A 386 -7.73 -18.37 -5.86
N SER A 387 -6.83 -19.25 -6.29
CA SER A 387 -6.17 -20.13 -5.33
CA SER A 387 -6.17 -20.12 -5.32
C SER A 387 -5.22 -19.34 -4.43
N VAL A 388 -4.52 -18.36 -5.00
CA VAL A 388 -3.63 -17.54 -4.16
C VAL A 388 -4.45 -16.74 -3.17
N LEU A 389 -5.57 -16.18 -3.63
CA LEU A 389 -6.49 -15.43 -2.79
C LEU A 389 -7.03 -16.29 -1.64
N GLU A 390 -7.47 -17.51 -1.95
CA GLU A 390 -7.99 -18.38 -0.89
C GLU A 390 -6.91 -18.74 0.12
N ALA A 391 -5.68 -18.98 -0.34
CA ALA A 391 -4.60 -19.24 0.61
C ALA A 391 -4.35 -18.02 1.49
N TYR A 392 -4.32 -16.83 0.88
CA TYR A 392 -4.15 -15.60 1.63
C TYR A 392 -5.21 -15.46 2.71
N ILE A 393 -6.48 -15.61 2.33
CA ILE A 393 -7.56 -15.49 3.30
C ILE A 393 -7.39 -16.50 4.42
N SER A 394 -6.98 -17.73 4.08
CA SER A 394 -6.88 -18.76 5.10
C SER A 394 -5.78 -18.50 6.12
N ILE A 395 -4.81 -17.64 5.80
CA ILE A 395 -3.73 -17.30 6.73
C ILE A 395 -4.21 -16.29 7.77
N MET A 396 -5.13 -15.42 7.41
CA MET A 396 -5.54 -14.30 8.25
C MET A 396 -6.24 -14.78 9.52
N SER B 178 -3.01 23.11 -23.13
CA SER B 178 -4.00 23.99 -22.52
C SER B 178 -3.61 24.35 -21.08
N LYS B 179 -3.72 25.64 -20.74
CA LYS B 179 -3.48 26.07 -19.37
C LYS B 179 -4.36 25.30 -18.39
N LEU B 180 -5.64 25.12 -18.76
CA LEU B 180 -6.57 24.43 -17.88
C LEU B 180 -6.25 22.95 -17.77
N GLN B 181 -6.02 22.29 -18.91
CA GLN B 181 -5.75 20.85 -18.89
C GLN B 181 -4.49 20.54 -18.11
N THR B 182 -3.46 21.38 -18.25
CA THR B 182 -2.23 21.19 -17.49
C THR B 182 -2.48 21.33 -15.99
N LEU B 183 -3.23 22.38 -15.61
CA LEU B 183 -3.53 22.61 -14.20
C LEU B 183 -4.24 21.41 -13.59
N LYS B 184 -5.17 20.81 -14.32
CA LYS B 184 -5.91 19.66 -13.81
C LYS B 184 -4.98 18.46 -13.59
N ASN B 185 -4.16 18.15 -14.60
CA ASN B 185 -3.32 16.95 -14.50
C ASN B 185 -2.26 17.08 -13.43
N GLU B 186 -1.73 18.29 -13.24
CA GLU B 186 -0.74 18.51 -12.18
C GLU B 186 -1.35 18.28 -10.79
N LEU B 187 -2.58 18.75 -10.59
CA LEU B 187 -3.23 18.57 -9.29
C LEU B 187 -3.59 17.10 -9.05
N ILE B 188 -4.07 16.42 -10.10
CA ILE B 188 -4.36 14.99 -10.00
C ILE B 188 -3.09 14.23 -9.64
N ARG B 189 -1.98 14.57 -10.31
CA ARG B 189 -0.70 13.92 -10.06
CA ARG B 189 -0.69 13.91 -10.06
C ARG B 189 -0.23 14.14 -8.62
N ALA B 190 -0.37 15.36 -8.11
CA ALA B 190 0.09 15.65 -6.75
C ALA B 190 -0.72 14.89 -5.71
N ILE B 191 -2.04 14.80 -5.91
CA ILE B 191 -2.88 14.04 -4.99
C ILE B 191 -2.49 12.57 -5.02
N SER B 192 -2.30 12.02 -6.22
CA SER B 192 -1.90 10.63 -6.36
C SER B 192 -0.54 10.38 -5.72
N GLU B 193 0.38 11.35 -5.83
CA GLU B 193 1.66 11.22 -5.16
C GLU B 193 1.47 11.11 -3.65
N GLU B 194 0.55 11.90 -3.09
CA GLU B 194 0.36 11.85 -1.64
C GLU B 194 -0.33 10.56 -1.22
N LYS B 195 -1.33 10.13 -1.98
CA LYS B 195 -1.99 8.86 -1.68
C LYS B 195 -1.01 7.69 -1.76
N ASN B 196 -0.15 7.70 -2.77
CA ASN B 196 0.84 6.63 -2.91
C ASN B 196 1.75 6.56 -1.69
N LYS B 197 2.12 7.72 -1.12
CA LYS B 197 3.01 7.73 0.05
C LYS B 197 2.31 7.30 1.33
N THR B 198 0.97 7.29 1.36
CA THR B 198 0.29 6.84 2.58
C THR B 198 0.36 5.32 2.74
N GLN B 199 0.90 4.62 1.76
CA GLN B 199 1.16 3.19 1.83
C GLN B 199 2.66 2.96 2.01
N ASN B 200 3.01 1.90 2.73
CA ASN B 200 4.42 1.59 3.03
C ASN B 200 5.19 1.09 1.81
N GLY B 203 9.03 -1.11 1.89
CA GLY B 203 9.22 -2.34 2.64
C GLY B 203 9.18 -2.14 4.14
N PHE B 204 8.56 -1.04 4.58
CA PHE B 204 8.41 -0.78 6.00
C PHE B 204 7.65 -1.91 6.68
N ARG B 205 8.09 -2.28 7.88
CA ARG B 205 7.33 -3.26 8.65
C ARG B 205 7.35 -2.92 10.12
N GLU B 206 6.21 -3.12 10.76
CA GLU B 206 6.06 -2.82 12.17
C GLU B 206 6.79 -3.87 13.02
N THR B 207 7.51 -3.41 14.04
CA THR B 207 8.13 -4.32 14.98
C THR B 207 7.07 -4.94 15.87
N TYR B 208 7.39 -6.09 16.49
CA TYR B 208 6.37 -6.76 17.28
C TYR B 208 5.87 -5.89 18.43
N ASP B 209 6.77 -5.19 19.11
CA ASP B 209 6.33 -4.34 20.20
C ASP B 209 5.78 -3.00 19.71
N GLN B 210 5.49 -2.89 18.41
CA GLN B 210 4.91 -1.68 17.83
C GLN B 210 5.71 -0.44 18.25
N PHE B 211 7.03 -0.50 18.05
CA PHE B 211 7.93 0.63 18.30
C PHE B 211 7.79 1.15 19.73
N LYS B 212 7.77 0.20 20.67
CA LYS B 212 7.65 0.38 22.13
C LYS B 212 6.30 0.91 22.56
N MET B 213 5.33 0.98 21.64
CA MET B 213 4.02 1.51 21.97
C MET B 213 2.94 0.45 22.11
N LYS B 214 3.23 -0.82 21.77
CA LYS B 214 2.27 -1.88 22.04
C LYS B 214 1.88 -1.92 23.51
N ASP B 215 2.85 -1.71 24.41
CA ASP B 215 2.60 -1.75 25.84
C ASP B 215 2.54 -0.36 26.46
N SER B 216 2.35 0.69 25.67
CA SER B 216 2.16 2.02 26.23
C SER B 216 1.10 2.81 25.45
N ALA B 217 1.52 3.66 24.52
CA ALA B 217 0.58 4.59 23.89
C ALA B 217 -0.56 3.86 23.18
N PHE B 218 -0.26 2.81 22.42
CA PHE B 218 -1.33 2.10 21.73
C PHE B 218 -2.17 1.28 22.71
N GLU B 219 -1.66 1.02 23.92
CA GLU B 219 -2.47 0.35 24.93
C GLU B 219 -3.59 1.26 25.44
N LEU B 220 -3.37 2.58 25.42
CA LEU B 220 -4.28 3.54 26.07
C LEU B 220 -5.46 3.94 25.21
N LEU B 221 -5.54 3.51 23.95
CA LEU B 221 -6.55 4.00 23.02
C LEU B 221 -7.30 2.84 22.38
N ASP B 222 -8.55 3.10 22.01
CA ASP B 222 -9.32 2.26 21.10
C ASP B 222 -9.18 2.80 19.68
N VAL B 223 -9.61 1.99 18.71
CA VAL B 223 -9.58 2.42 17.31
C VAL B 223 -10.53 3.58 17.09
N ILE B 224 -10.03 4.67 16.50
CA ILE B 224 -10.83 5.87 16.21
C ILE B 224 -11.11 5.96 14.72
N ALA B 235 -14.75 -0.81 20.72
CA ALA B 235 -13.85 -0.99 19.59
C ALA B 235 -12.59 -1.72 20.05
N PRO B 236 -11.84 -2.33 19.12
CA PRO B 236 -10.63 -3.04 19.52
C PRO B 236 -9.59 -2.06 20.05
N GLN B 237 -8.81 -2.54 21.02
CA GLN B 237 -7.69 -1.75 21.51
C GLN B 237 -6.71 -1.51 20.37
N LEU B 238 -6.11 -0.31 20.36
CA LEU B 238 -5.28 0.08 19.24
C LEU B 238 -4.02 -0.78 19.12
N ASN B 239 -3.64 -1.48 20.19
CA ASN B 239 -2.49 -2.36 20.15
C ASN B 239 -2.84 -3.79 19.76
N SER B 240 -4.06 -4.05 19.30
CA SER B 240 -4.51 -5.41 19.11
C SER B 240 -4.08 -5.97 17.76
N ASN B 241 -4.11 -7.29 17.66
CA ASN B 241 -3.83 -8.00 16.41
C ASN B 241 -5.12 -8.14 15.61
N THR B 242 -5.60 -6.99 15.12
CA THR B 242 -6.78 -6.93 14.27
C THR B 242 -6.47 -6.07 13.05
N PRO B 243 -7.08 -6.38 11.91
CA PRO B 243 -6.87 -5.50 10.74
C PRO B 243 -7.25 -4.06 11.02
N GLU B 244 -8.30 -3.85 11.83
CA GLU B 244 -8.70 -2.49 12.18
C GLU B 244 -7.62 -1.75 12.96
N ALA B 245 -6.99 -2.42 13.94
CA ALA B 245 -5.96 -1.74 14.74
C ALA B 245 -4.68 -1.58 13.95
N GLU B 246 -4.29 -2.60 13.18
CA GLU B 246 -3.11 -2.49 12.33
C GLU B 246 -3.25 -1.32 11.36
N ASN B 247 -4.43 -1.18 10.76
CA ASN B 247 -4.69 -0.07 9.84
C ASN B 247 -4.54 1.29 10.53
N GLU B 248 -5.02 1.39 11.77
CA GLU B 248 -4.96 2.69 12.45
C GLU B 248 -3.56 3.00 12.96
N ARG B 249 -2.84 2.00 13.48
CA ARG B 249 -1.44 2.24 13.81
C ARG B 249 -0.66 2.66 12.58
N ASN B 250 -1.01 2.09 11.42
CA ASN B 250 -0.34 2.45 10.19
C ASN B 250 -0.54 3.92 9.84
N LYS B 251 -1.65 4.53 10.29
CA LYS B 251 -1.86 5.96 10.05
C LYS B 251 -0.84 6.79 10.81
N PHE B 252 -0.54 6.38 12.05
CA PHE B 252 0.49 7.07 12.80
C PHE B 252 1.84 6.89 12.13
N TYR B 253 2.13 5.69 11.64
CA TYR B 253 3.41 5.46 10.96
C TYR B 253 3.50 6.29 9.68
N ALA B 254 2.39 6.41 8.94
CA ALA B 254 2.38 7.21 7.72
C ALA B 254 2.59 8.68 8.02
N LEU B 255 2.07 9.15 9.17
CA LEU B 255 2.27 10.52 9.61
C LEU B 255 3.75 10.83 9.80
N MET B 256 4.51 9.83 10.25
CA MET B 256 5.95 9.92 10.44
C MET B 256 6.73 9.47 9.21
N ASP B 257 6.08 9.41 8.05
CA ASP B 257 6.68 9.06 6.77
C ASP B 257 7.34 7.68 6.82
N PHE B 258 6.78 6.79 7.64
CA PHE B 258 7.28 5.42 7.78
C PHE B 258 8.79 5.43 8.08
N ASP B 259 9.22 6.40 8.88
CA ASP B 259 10.63 6.49 9.28
C ASP B 259 10.76 5.65 10.55
N GLN B 260 11.25 4.42 10.41
CA GLN B 260 11.29 3.51 11.55
C GLN B 260 12.09 4.09 12.71
N TYR B 261 13.15 4.85 12.41
CA TYR B 261 14.01 5.36 13.46
C TYR B 261 13.33 6.46 14.25
N LYS B 262 12.66 7.39 13.57
CA LYS B 262 11.89 8.43 14.26
C LYS B 262 10.73 7.82 15.05
N ILE B 263 10.01 6.85 14.46
CA ILE B 263 8.88 6.25 15.17
C ILE B 263 9.35 5.55 16.44
N GLU B 264 10.50 4.86 16.35
CA GLU B 264 11.04 4.17 17.52
C GLU B 264 11.43 5.16 18.62
N GLN B 265 12.04 6.28 18.24
CA GLN B 265 12.40 7.26 19.26
CA GLN B 265 12.40 7.26 19.26
C GLN B 265 11.16 7.91 19.85
N PHE B 266 10.17 8.23 19.03
CA PHE B 266 8.90 8.73 19.55
C PHE B 266 8.29 7.73 20.51
N GLY B 267 8.27 6.45 20.10
CA GLY B 267 7.74 5.40 20.97
C GLY B 267 8.47 5.31 22.31
N SER B 268 9.80 5.46 22.30
CA SER B 268 10.53 5.38 23.56
C SER B 268 10.21 6.55 24.47
N ILE B 269 9.88 7.71 23.90
CA ILE B 269 9.45 8.84 24.74
C ILE B 269 8.06 8.57 25.31
N MET B 270 7.16 7.99 24.51
CA MET B 270 5.87 7.59 25.07
C MET B 270 6.05 6.56 26.18
N GLU B 271 6.97 5.60 25.98
CA GLU B 271 7.20 4.59 27.01
C GLU B 271 7.67 5.23 28.31
N THR B 272 8.57 6.21 28.24
CA THR B 272 9.02 6.91 29.44
C THR B 272 7.87 7.62 30.14
N LEU B 273 7.06 8.38 29.38
CA LEU B 273 5.90 9.05 29.98
C LEU B 273 4.98 8.05 30.65
N TYR B 274 4.83 6.86 30.06
CA TYR B 274 3.88 5.85 30.53
C TYR B 274 4.23 5.28 31.90
N ASN B 275 5.47 5.50 32.38
CA ASN B 275 5.90 4.99 33.69
C ASN B 275 5.03 5.50 34.83
N GLU B 276 4.48 6.70 34.71
CA GLU B 276 3.62 7.29 35.74
C GLU B 276 2.23 7.54 35.16
N ASN B 277 1.20 7.02 35.83
CA ASN B 277 -0.13 7.08 35.25
C ASN B 277 -0.71 8.49 35.21
N GLN B 278 -0.11 9.45 35.93
CA GLN B 278 -0.52 10.85 35.78
C GLN B 278 -0.23 11.40 34.39
N ASN B 279 0.66 10.76 33.62
CA ASN B 279 1.00 11.19 32.27
C ASN B 279 0.14 10.52 31.20
N HIS B 280 -0.72 9.58 31.57
CA HIS B 280 -1.42 8.81 30.54
C HIS B 280 -2.36 9.67 29.71
N SER B 281 -3.03 10.64 30.34
CA SER B 281 -3.89 11.55 29.56
C SER B 281 -3.07 12.32 28.53
N LEU B 282 -1.85 12.73 28.90
CA LEU B 282 -1.00 13.44 27.96
C LEU B 282 -0.64 12.55 26.78
N ILE B 283 -0.28 11.30 27.05
CA ILE B 283 0.01 10.36 25.96
C ILE B 283 -1.19 10.23 25.05
N ARG B 284 -2.39 10.08 25.62
CA ARG B 284 -3.59 9.99 24.79
CA ARG B 284 -3.59 10.00 24.80
C ARG B 284 -3.73 11.22 23.91
N GLU B 285 -3.56 12.41 24.49
CA GLU B 285 -3.72 13.64 23.72
C GLU B 285 -2.72 13.72 22.57
N LEU B 286 -1.46 13.34 22.83
CA LEU B 286 -0.45 13.39 21.78
C LEU B 286 -0.79 12.45 20.63
N MET B 287 -1.13 11.19 20.96
CA MET B 287 -1.44 10.21 19.91
CA MET B 287 -1.42 10.23 19.90
C MET B 287 -2.72 10.58 19.18
N ILE B 288 -3.73 11.07 19.90
CA ILE B 288 -4.96 11.47 19.23
C ILE B 288 -4.69 12.64 18.28
N SER B 289 -3.81 13.56 18.67
CA SER B 289 -3.54 14.69 17.79
C SER B 289 -2.87 14.23 16.50
N GLY B 290 -2.00 13.22 16.59
CA GLY B 290 -1.33 12.73 15.40
C GLY B 290 -2.23 11.89 14.51
N LEU B 291 -2.95 10.93 15.11
CA LEU B 291 -3.89 10.12 14.34
C LEU B 291 -4.92 11.00 13.64
N GLY B 292 -5.49 11.97 14.37
CA GLY B 292 -6.49 12.83 13.77
C GLY B 292 -5.94 13.68 12.64
N THR B 293 -4.67 14.12 12.76
CA THR B 293 -4.04 14.86 11.68
C THR B 293 -3.95 14.00 10.43
N GLN B 294 -3.47 12.76 10.57
CA GLN B 294 -3.28 11.92 9.40
C GLN B 294 -4.60 11.49 8.81
N ILE B 295 -5.59 11.22 9.67
CA ILE B 295 -6.89 10.74 9.20
C ILE B 295 -7.58 11.82 8.38
N SER B 296 -7.62 13.04 8.92
CA SER B 296 -8.22 14.17 8.19
C SER B 296 -7.47 14.43 6.90
N PHE B 297 -6.14 14.36 6.95
CA PHE B 297 -5.31 14.55 5.77
C PHE B 297 -5.66 13.56 4.66
N GLU B 298 -5.72 12.27 5.00
CA GLU B 298 -5.97 11.27 3.97
C GLU B 298 -7.39 11.39 3.42
N LEU B 299 -8.38 11.65 4.29
CA LEU B 299 -9.76 11.87 3.82
C LEU B 299 -9.86 13.12 2.94
N ALA B 300 -9.09 14.16 3.25
CA ALA B 300 -9.10 15.38 2.43
C ALA B 300 -8.54 15.11 1.03
N LEU B 301 -7.50 14.28 0.95
CA LEU B 301 -6.97 13.91 -0.36
C LEU B 301 -8.06 13.29 -1.23
N GLU B 302 -8.84 12.38 -0.64
CA GLU B 302 -9.91 11.72 -1.38
C GLU B 302 -11.01 12.72 -1.76
N GLU B 303 -11.36 13.65 -0.86
CA GLU B 303 -12.39 14.63 -1.19
C GLU B 303 -11.92 15.58 -2.29
N ILE B 304 -10.66 16.01 -2.26
CA ILE B 304 -10.15 16.85 -3.35
C ILE B 304 -10.21 16.07 -4.67
N ASN B 305 -9.76 14.81 -4.64
CA ASN B 305 -9.80 13.98 -5.84
C ASN B 305 -11.21 13.91 -6.44
N LYS B 306 -12.23 13.73 -5.59
CA LYS B 306 -13.61 13.62 -6.07
C LYS B 306 -14.07 14.94 -6.71
N LYS B 307 -13.76 16.07 -6.08
CA LYS B 307 -14.17 17.36 -6.61
C LYS B 307 -13.54 17.61 -7.97
N ILE B 308 -12.27 17.22 -8.15
CA ILE B 308 -11.60 17.38 -9.44
C ILE B 308 -12.36 16.65 -10.53
N GLU B 309 -12.72 15.40 -10.28
CA GLU B 309 -13.42 14.62 -11.30
C GLU B 309 -14.82 15.16 -11.56
N ILE B 310 -15.51 15.64 -10.51
CA ILE B 310 -16.84 16.18 -10.70
C ILE B 310 -16.80 17.43 -11.57
N PHE B 311 -15.90 18.36 -11.24
CA PHE B 311 -15.81 19.59 -12.04
C PHE B 311 -15.32 19.28 -13.45
N ASN B 312 -14.40 18.33 -13.60
CA ASN B 312 -13.91 17.98 -14.95
C ASN B 312 -15.03 17.47 -15.83
N GLN B 313 -15.89 16.60 -15.30
CA GLN B 313 -17.02 16.11 -16.09
C GLN B 313 -18.06 17.20 -16.32
N ASP B 314 -18.27 18.08 -15.34
CA ASP B 314 -19.12 19.24 -15.57
C ASP B 314 -18.58 20.11 -16.70
N TYR B 315 -17.28 20.38 -16.69
CA TYR B 315 -16.70 21.21 -17.73
C TYR B 315 -16.77 20.53 -19.09
N LEU B 316 -16.46 19.23 -19.13
CA LEU B 316 -16.51 18.51 -20.41
C LEU B 316 -17.94 18.39 -20.93
N ASN B 317 -18.93 18.38 -20.04
CA ASN B 317 -20.33 18.31 -20.42
C ASN B 317 -20.97 19.69 -20.60
N ALA B 318 -20.15 20.74 -20.68
CA ALA B 318 -20.53 22.14 -20.92
C ALA B 318 -21.31 22.78 -19.78
N LYS B 319 -21.36 22.15 -18.60
CA LYS B 319 -22.10 22.73 -17.48
C LYS B 319 -21.42 23.95 -16.86
N ILE B 320 -20.08 24.03 -16.90
CA ILE B 320 -19.34 25.15 -16.33
C ILE B 320 -18.34 25.66 -17.36
N ASN B 321 -17.89 26.90 -17.17
CA ASN B 321 -16.96 27.51 -18.13
C ASN B 321 -15.52 27.45 -17.60
N SER B 322 -14.59 27.84 -18.48
CA SER B 322 -13.17 27.71 -18.18
C SER B 322 -12.78 28.54 -16.96
N PHE B 323 -13.36 29.73 -16.80
CA PHE B 323 -12.97 30.58 -15.69
C PHE B 323 -13.34 29.94 -14.36
N ASP B 324 -14.58 29.45 -14.25
CA ASP B 324 -15.04 28.83 -13.01
C ASP B 324 -14.29 27.55 -12.70
N PHE B 325 -13.98 26.74 -13.73
CA PHE B 325 -13.19 25.54 -13.50
C PHE B 325 -11.79 25.91 -13.00
N THR B 326 -11.16 26.89 -13.65
CA THR B 326 -9.86 27.37 -13.19
C THR B 326 -9.93 27.87 -11.75
N MET B 327 -10.94 28.69 -11.43
CA MET B 327 -11.10 29.19 -10.08
C MET B 327 -11.28 28.06 -9.08
N LYS B 328 -12.02 27.01 -9.46
CA LYS B 328 -12.18 25.87 -8.55
C LYS B 328 -10.87 25.10 -8.38
N LEU B 329 -10.12 24.90 -9.46
CA LEU B 329 -8.86 24.17 -9.37
C LEU B 329 -7.83 24.92 -8.53
N LYS B 330 -7.78 26.24 -8.70
CA LYS B 330 -6.91 27.07 -7.86
C LYS B 330 -7.28 26.94 -6.39
N GLU B 331 -8.59 26.93 -6.08
CA GLU B 331 -9.01 26.78 -4.69
C GLU B 331 -8.66 25.40 -4.15
N LEU B 332 -8.84 24.35 -4.94
CA LEU B 332 -8.49 23.00 -4.51
C LEU B 332 -6.98 22.86 -4.32
N LYS B 333 -6.19 23.45 -5.22
CA LYS B 333 -4.74 23.39 -5.05
C LYS B 333 -4.31 24.09 -3.75
N SER B 334 -4.95 25.23 -3.45
CA SER B 334 -4.68 25.92 -2.18
C SER B 334 -5.02 25.05 -0.98
N LYS B 335 -6.14 24.32 -1.02
CA LYS B 335 -6.47 23.47 0.12
C LYS B 335 -5.48 22.34 0.26
N LEU B 336 -5.02 21.78 -0.85
CA LEU B 336 -4.00 20.75 -0.78
C LEU B 336 -2.73 21.31 -0.13
N ASN B 337 -2.31 22.50 -0.54
CA ASN B 337 -1.13 23.11 0.08
C ASN B 337 -1.33 23.31 1.57
N GLN B 338 -2.55 23.64 1.99
CA GLN B 338 -2.81 23.88 3.40
C GLN B 338 -2.75 22.59 4.21
N ILE B 339 -3.35 21.50 3.71
CA ILE B 339 -3.29 20.26 4.49
C ILE B 339 -1.87 19.70 4.51
N LEU B 340 -1.12 19.88 3.41
CA LEU B 340 0.29 19.44 3.43
C LEU B 340 1.11 20.22 4.46
N ASP B 341 0.91 21.53 4.51
CA ASP B 341 1.73 22.37 5.40
C ASP B 341 1.40 22.12 6.86
N LYS B 342 0.13 21.94 7.18
CA LYS B 342 -0.24 21.72 8.57
C LYS B 342 0.06 20.30 9.02
N ARG B 343 0.02 19.33 8.11
CA ARG B 343 0.50 17.99 8.46
C ARG B 343 2.00 18.00 8.71
N LYS B 344 2.76 18.69 7.85
CA LYS B 344 4.20 18.80 8.07
C LYS B 344 4.49 19.49 9.39
N GLU B 345 3.68 20.48 9.76
CA GLU B 345 3.90 21.19 11.03
C GLU B 345 3.79 20.24 12.22
N TRP B 346 2.81 19.32 12.20
CA TRP B 346 2.74 18.33 13.28
C TRP B 346 4.02 17.51 13.34
N SER B 347 4.46 17.03 12.17
CA SER B 347 5.69 16.25 12.09
C SER B 347 6.89 17.08 12.52
N ARG B 348 6.89 18.38 12.22
CA ARG B 348 7.98 19.25 12.65
CA ARG B 348 7.97 19.26 12.64
C ARG B 348 8.07 19.33 14.16
N GLN B 349 6.91 19.35 14.83
CA GLN B 349 6.90 19.33 16.29
C GLN B 349 7.43 18.01 16.83
N ALA B 350 6.99 16.88 16.26
CA ALA B 350 7.50 15.58 16.69
C ALA B 350 9.01 15.49 16.47
N ASP B 351 9.49 16.04 15.35
CA ASP B 351 10.93 16.03 15.07
C ASP B 351 11.73 16.71 16.17
N GLY B 352 11.24 17.87 16.65
CA GLY B 352 11.94 18.58 17.71
C GLY B 352 11.87 17.87 19.04
N LEU B 353 10.73 17.23 19.34
CA LEU B 353 10.62 16.48 20.58
C LEU B 353 11.61 15.30 20.59
N ILE B 354 11.70 14.58 19.47
CA ILE B 354 12.63 13.47 19.33
C ILE B 354 14.07 13.95 19.47
N ALA B 355 14.41 15.02 18.75
CA ALA B 355 15.77 15.56 18.81
C ALA B 355 16.14 15.97 20.23
N ASN B 356 15.19 16.52 20.99
CA ASN B 356 15.55 17.12 22.26
C ASN B 356 15.37 16.19 23.46
N ALA B 357 14.46 15.22 23.36
CA ALA B 357 14.30 14.20 24.39
C ALA B 357 15.29 13.05 24.26
N SER B 358 16.17 13.05 23.26
CA SER B 358 17.02 11.89 23.05
C SER B 358 18.06 11.73 24.16
N SER B 359 18.98 12.68 24.27
CA SER B 359 20.07 12.61 25.24
C SER B 359 19.91 13.57 26.41
N ASN B 360 18.85 14.38 26.45
CA ASN B 360 18.71 15.33 27.54
C ASN B 360 18.47 14.56 28.84
N SER B 361 19.43 14.69 29.76
CA SER B 361 19.35 13.97 31.02
C SER B 361 18.13 14.38 31.83
N SER B 362 17.86 15.70 31.89
CA SER B 362 16.70 16.18 32.64
C SER B 362 15.41 15.51 32.17
N LEU B 363 15.32 15.21 30.87
CA LEU B 363 14.12 14.65 30.27
C LEU B 363 13.99 13.15 30.46
N SER B 364 14.83 12.51 31.28
CA SER B 364 14.63 11.11 31.62
C SER B 364 13.56 10.96 32.69
N ASP B 365 13.38 11.99 33.53
CA ASP B 365 12.32 12.00 34.52
C ASP B 365 10.97 12.17 33.85
N SER B 366 10.03 11.27 34.16
CA SER B 366 8.73 11.25 33.49
C SER B 366 7.97 12.55 33.73
N LYS B 367 7.99 13.06 34.97
CA LYS B 367 7.32 14.32 35.28
C LYS B 367 7.94 15.49 34.54
N SER B 368 9.26 15.57 34.51
CA SER B 368 9.95 16.65 33.81
C SER B 368 9.69 16.60 32.31
N LEU B 369 9.74 15.40 31.73
CA LEU B 369 9.45 15.26 30.32
C LEU B 369 8.03 15.68 29.99
N ALA B 370 7.07 15.32 30.86
CA ALA B 370 5.68 15.69 30.64
C ALA B 370 5.51 17.22 30.65
N GLU B 371 6.11 17.90 31.63
CA GLU B 371 6.03 19.36 31.69
C GLU B 371 6.65 19.99 30.44
N TYR B 372 7.83 19.52 30.05
CA TYR B 372 8.49 20.02 28.84
C TYR B 372 7.59 19.84 27.62
N ILE B 373 6.96 18.67 27.47
CA ILE B 373 6.11 18.45 26.31
C ILE B 373 4.88 19.35 26.35
N LYS B 374 4.23 19.43 27.52
CA LYS B 374 3.05 20.27 27.67
C LYS B 374 3.34 21.73 27.36
N LYS B 375 4.53 22.22 27.75
CA LYS B 375 4.83 23.63 27.59
C LYS B 375 5.31 23.96 26.16
N ARG B 376 6.04 23.06 25.51
CA ARG B 376 6.71 23.40 24.27
C ARG B 376 6.09 22.81 23.01
N TYR B 377 5.32 21.72 23.11
CA TYR B 377 4.87 21.04 21.89
C TYR B 377 3.37 20.78 21.80
N LEU B 378 2.71 20.56 22.94
CA LEU B 378 1.34 20.02 22.89
C LEU B 378 0.41 20.97 22.13
N ASP B 379 0.46 22.27 22.46
CA ASP B 379 -0.45 23.22 21.83
C ASP B 379 -0.20 23.30 20.32
N ASN B 380 1.07 23.29 19.91
CA ASN B 380 1.38 23.34 18.48
C ASN B 380 0.85 22.12 17.76
N MET B 381 0.99 20.93 18.37
CA MET B 381 0.50 19.71 17.76
C MET B 381 -1.03 19.69 17.69
N GLN B 382 -1.70 20.14 18.76
CA GLN B 382 -3.17 20.19 18.72
C GLN B 382 -3.68 21.25 17.73
N ASN B 383 -2.95 22.36 17.56
CA ASN B 383 -3.37 23.38 16.61
C ASN B 383 -3.17 22.90 15.17
N ALA B 384 -2.10 22.14 14.92
CA ALA B 384 -1.92 21.56 13.59
C ALA B 384 -3.05 20.59 13.25
N ARG B 385 -3.42 19.71 14.20
CA ARG B 385 -4.53 18.79 14.00
CA ARG B 385 -4.53 18.79 13.98
C ARG B 385 -5.82 19.55 13.68
N GLN B 386 -6.10 20.60 14.47
CA GLN B 386 -7.29 21.39 14.29
C GLN B 386 -7.32 22.05 12.92
N SER B 387 -6.16 22.53 12.45
CA SER B 387 -6.13 23.22 11.16
C SER B 387 -6.41 22.24 10.02
N VAL B 388 -5.89 21.01 10.11
CA VAL B 388 -6.14 20.01 9.07
C VAL B 388 -7.62 19.64 9.05
N LEU B 389 -8.22 19.47 10.22
CA LEU B 389 -9.66 19.19 10.32
C LEU B 389 -10.49 20.31 9.69
N GLU B 390 -10.16 21.56 10.01
CA GLU B 390 -10.91 22.67 9.46
C GLU B 390 -10.76 22.74 7.94
N ALA B 391 -9.56 22.46 7.44
CA ALA B 391 -9.36 22.42 6.00
C ALA B 391 -10.19 21.31 5.36
N TYR B 392 -10.21 20.13 5.97
CA TYR B 392 -11.05 19.03 5.47
C TYR B 392 -12.50 19.47 5.38
N ILE B 393 -13.02 20.03 6.47
CA ILE B 393 -14.40 20.47 6.52
C ILE B 393 -14.68 21.52 5.43
N SER B 394 -13.70 22.37 5.15
CA SER B 394 -13.85 23.46 4.19
C SER B 394 -13.98 23.00 2.73
N ILE B 395 -13.67 21.74 2.41
CA ILE B 395 -13.78 21.27 1.03
C ILE B 395 -15.25 21.16 0.63
N MET B 396 -16.08 20.55 1.50
CA MET B 396 -17.55 20.53 1.38
C MET B 396 -18.06 19.82 0.13
#